data_1K2W
#
_entry.id   1K2W
#
_cell.length_a   67.465
_cell.length_b   67.465
_cell.length_c   191.044
_cell.angle_alpha   90.00
_cell.angle_beta   90.00
_cell.angle_gamma   120.00
#
_symmetry.space_group_name_H-M   'P 31 2 1'
#
loop_
_entity.id
_entity.type
_entity.pdbx_description
1 polymer 'SORBITOL DEHYDROGENASE'
2 water water
#
_entity_poly.entity_id   1
_entity_poly.type   'polypeptide(L)'
_entity_poly.pdbx_seq_one_letter_code
;MRLDGKTALITGSARGIGRAFAEAYVREGARVAIADINLEAARATAAEIGPAACAIALDVTDQASIDRCVAELLDRWGSI
DILVNNAALFDLAPIVEITRESYDRLFAINVSGTLFMMQAVARAMIAGGRGGKIINMASQAGRRGEALVGVYCATKAAVI
SLTQSAGLNLIRHGINVNAIAPGVVDGEHWDGVDAKFADYENLPRGEKKRQVGAAVPFGRMGRAEDLTGMAIFLATPEAD
YIVAQTYNVDGGNWMS
;
_entity_poly.pdbx_strand_id   A,B
#
# COMPACT_ATOMS: atom_id res chain seq x y z
N MET A 1 -11.82 -34.05 8.28
CA MET A 1 -12.08 -33.10 9.40
C MET A 1 -10.81 -32.39 9.84
N ARG A 2 -10.22 -31.62 8.93
CA ARG A 2 -9.00 -30.90 9.23
C ARG A 2 -9.24 -29.65 10.07
N LEU A 3 -10.49 -29.19 10.13
CA LEU A 3 -10.85 -28.01 10.90
C LEU A 3 -11.98 -28.32 11.88
N ASP A 4 -11.97 -29.54 12.38
CA ASP A 4 -12.99 -30.01 13.31
C ASP A 4 -13.11 -29.20 14.59
N GLY A 5 -14.33 -28.72 14.85
CA GLY A 5 -14.62 -27.95 16.05
C GLY A 5 -14.02 -26.56 16.10
N LYS A 6 -13.90 -25.93 14.94
CA LYS A 6 -13.33 -24.58 14.86
C LYS A 6 -14.28 -23.61 14.19
N THR A 7 -14.15 -22.33 14.56
CA THR A 7 -14.99 -21.28 14.02
C THR A 7 -14.22 -20.34 13.11
N ALA A 8 -14.79 -20.05 11.96
CA ALA A 8 -14.14 -19.16 11.00
C ALA A 8 -15.06 -18.02 10.52
N LEU A 9 -14.52 -16.82 10.52
CA LEU A 9 -15.26 -15.65 10.04
C LEU A 9 -14.65 -15.34 8.67
N ILE A 10 -15.47 -15.36 7.63
CA ILE A 10 -14.98 -15.06 6.29
C ILE A 10 -15.75 -13.87 5.74
N THR A 11 -15.05 -12.77 5.49
CA THR A 11 -15.71 -11.56 4.99
C THR A 11 -15.98 -11.63 3.50
N GLY A 12 -17.11 -11.05 3.10
CA GLY A 12 -17.48 -11.03 1.69
C GLY A 12 -17.61 -12.42 1.11
N SER A 13 -18.17 -13.33 1.90
CA SER A 13 -18.33 -14.73 1.52
C SER A 13 -19.72 -15.12 1.00
N ALA A 14 -20.52 -14.13 0.64
CA ALA A 14 -21.85 -14.42 0.13
C ALA A 14 -21.73 -15.04 -1.24
N ARG A 15 -20.70 -14.64 -1.97
CA ARG A 15 -20.46 -15.16 -3.31
C ARG A 15 -18.99 -15.31 -3.63
N GLY A 16 -18.71 -15.82 -4.82
CA GLY A 16 -17.35 -16.01 -5.28
C GLY A 16 -16.42 -16.88 -4.44
N ILE A 17 -15.14 -16.53 -4.47
CA ILE A 17 -14.10 -17.23 -3.74
C ILE A 17 -14.41 -17.32 -2.26
N GLY A 18 -14.97 -16.25 -1.71
CA GLY A 18 -15.30 -16.24 -0.30
C GLY A 18 -16.24 -17.37 0.04
N ARG A 19 -17.23 -17.59 -0.81
CA ARG A 19 -18.21 -18.65 -0.60
C ARG A 19 -17.52 -20.01 -0.65
N ALA A 20 -16.63 -20.16 -1.63
CA ALA A 20 -15.88 -21.40 -1.80
C ALA A 20 -15.18 -21.77 -0.50
N PHE A 21 -14.40 -20.86 0.05
CA PHE A 21 -13.69 -21.11 1.30
C PHE A 21 -14.66 -21.57 2.37
N ALA A 22 -15.81 -20.92 2.45
CA ALA A 22 -16.81 -21.26 3.45
C ALA A 22 -17.25 -22.71 3.28
N GLU A 23 -17.62 -23.05 2.05
CA GLU A 23 -18.05 -24.42 1.78
C GLU A 23 -16.92 -25.39 2.12
N ALA A 24 -15.71 -25.09 1.68
CA ALA A 24 -14.57 -25.95 1.97
C ALA A 24 -14.37 -26.09 3.48
N TYR A 25 -14.37 -24.96 4.18
CA TYR A 25 -14.19 -24.95 5.62
C TYR A 25 -15.24 -25.79 6.34
N VAL A 26 -16.50 -25.66 5.93
CA VAL A 26 -17.59 -26.42 6.54
C VAL A 26 -17.34 -27.90 6.31
N ARG A 27 -16.93 -28.24 5.09
CA ARG A 27 -16.66 -29.63 4.74
C ARG A 27 -15.61 -30.24 5.66
N GLU A 28 -14.75 -29.39 6.22
CA GLU A 28 -13.68 -29.87 7.10
C GLU A 28 -14.10 -29.87 8.57
N GLY A 29 -15.41 -29.76 8.80
CA GLY A 29 -15.94 -29.78 10.15
C GLY A 29 -15.84 -28.50 10.95
N ALA A 30 -15.89 -27.35 10.26
CA ALA A 30 -15.81 -26.06 10.95
C ALA A 30 -17.11 -25.28 10.85
N ARG A 31 -17.34 -24.41 11.82
CA ARG A 31 -18.52 -23.54 11.83
C ARG A 31 -18.10 -22.21 11.21
N VAL A 32 -18.82 -21.78 10.18
CA VAL A 32 -18.47 -20.55 9.50
C VAL A 32 -19.53 -19.46 9.56
N ALA A 33 -19.09 -18.23 9.41
CA ALA A 33 -19.98 -17.07 9.44
C ALA A 33 -19.94 -16.39 8.08
N ILE A 34 -21.08 -16.41 7.38
CA ILE A 34 -21.15 -15.76 6.07
C ILE A 34 -21.43 -14.28 6.27
N ALA A 35 -20.36 -13.50 6.36
CA ALA A 35 -20.49 -12.06 6.55
C ALA A 35 -20.51 -11.34 5.21
N ASP A 36 -21.41 -10.38 5.09
CA ASP A 36 -21.54 -9.61 3.86
C ASP A 36 -22.31 -8.33 4.18
N ILE A 37 -22.18 -7.32 3.33
CA ILE A 37 -22.87 -6.06 3.56
C ILE A 37 -24.37 -6.18 3.31
N ASN A 38 -24.75 -7.09 2.42
CA ASN A 38 -26.15 -7.34 2.10
C ASN A 38 -26.63 -8.61 2.81
N LEU A 39 -27.34 -8.42 3.91
CA LEU A 39 -27.83 -9.55 4.70
C LEU A 39 -28.74 -10.50 3.93
N GLU A 40 -29.36 -10.03 2.85
CA GLU A 40 -30.23 -10.88 2.05
C GLU A 40 -29.43 -12.05 1.47
N ALA A 41 -28.41 -11.72 0.69
CA ALA A 41 -27.55 -12.71 0.08
C ALA A 41 -26.86 -13.59 1.12
N ALA A 42 -26.46 -12.98 2.24
CA ALA A 42 -25.80 -13.71 3.30
C ALA A 42 -26.68 -14.84 3.80
N ARG A 43 -27.90 -14.50 4.21
CA ARG A 43 -28.85 -15.50 4.72
C ARG A 43 -29.10 -16.58 3.68
N ALA A 44 -29.18 -16.18 2.42
CA ALA A 44 -29.41 -17.11 1.32
C ALA A 44 -28.31 -18.17 1.24
N THR A 45 -27.06 -17.70 1.19
CA THR A 45 -25.91 -18.59 1.12
C THR A 45 -25.77 -19.44 2.38
N ALA A 46 -25.95 -18.82 3.54
CA ALA A 46 -25.83 -19.53 4.80
C ALA A 46 -26.83 -20.68 4.89
N ALA A 47 -28.04 -20.42 4.41
CA ALA A 47 -29.09 -21.44 4.44
C ALA A 47 -28.81 -22.52 3.41
N GLU A 48 -28.14 -22.12 2.34
CA GLU A 48 -27.79 -23.01 1.26
C GLU A 48 -26.68 -23.98 1.68
N ILE A 49 -25.82 -23.53 2.58
CA ILE A 49 -24.70 -24.33 3.08
C ILE A 49 -25.09 -25.29 4.20
N GLY A 50 -25.99 -24.88 5.07
CA GLY A 50 -26.41 -25.76 6.14
C GLY A 50 -26.35 -25.18 7.54
N PRO A 51 -26.67 -26.01 8.56
CA PRO A 51 -26.66 -25.65 9.98
C PRO A 51 -25.31 -25.20 10.50
N ALA A 52 -24.25 -25.50 9.74
CA ALA A 52 -22.89 -25.14 10.14
C ALA A 52 -22.56 -23.69 9.79
N ALA A 53 -23.37 -23.08 8.95
CA ALA A 53 -23.15 -21.69 8.55
C ALA A 53 -24.28 -20.77 9.01
N CYS A 54 -23.91 -19.55 9.39
CA CYS A 54 -24.89 -18.56 9.82
C CYS A 54 -24.51 -17.23 9.17
N ALA A 55 -25.53 -16.41 8.89
CA ALA A 55 -25.30 -15.12 8.25
C ALA A 55 -25.15 -13.97 9.24
N ILE A 56 -24.55 -12.89 8.78
CA ILE A 56 -24.35 -11.70 9.60
C ILE A 56 -23.97 -10.52 8.72
N ALA A 57 -24.58 -9.38 9.00
CA ALA A 57 -24.32 -8.17 8.22
C ALA A 57 -23.00 -7.55 8.63
N LEU A 58 -22.22 -7.13 7.64
CA LEU A 58 -20.92 -6.52 7.92
C LEU A 58 -20.47 -5.52 6.88
N ASP A 59 -20.07 -4.35 7.35
CA ASP A 59 -19.56 -3.30 6.49
C ASP A 59 -18.16 -3.05 7.03
N VAL A 60 -17.16 -3.69 6.43
CA VAL A 60 -15.78 -3.55 6.89
C VAL A 60 -15.25 -2.12 6.92
N THR A 61 -15.97 -1.19 6.27
CA THR A 61 -15.54 0.20 6.25
C THR A 61 -16.11 1.00 7.43
N ASP A 62 -17.00 0.37 8.19
CA ASP A 62 -17.62 1.03 9.34
C ASP A 62 -17.25 0.39 10.68
N GLN A 63 -16.53 1.12 11.50
CA GLN A 63 -16.09 0.60 12.79
C GLN A 63 -17.24 0.03 13.63
N ALA A 64 -18.37 0.72 13.61
CA ALA A 64 -19.53 0.26 14.39
C ALA A 64 -19.98 -1.12 13.94
N SER A 65 -20.09 -1.31 12.63
CA SER A 65 -20.51 -2.59 12.07
C SER A 65 -19.48 -3.67 12.43
N ILE A 66 -18.22 -3.28 12.45
CA ILE A 66 -17.15 -4.21 12.77
C ILE A 66 -17.25 -4.68 14.22
N ASP A 67 -17.37 -3.74 15.16
CA ASP A 67 -17.47 -4.10 16.57
C ASP A 67 -18.73 -4.93 16.87
N ARG A 68 -19.81 -4.64 16.16
CA ARG A 68 -21.04 -5.38 16.37
C ARG A 68 -20.82 -6.82 15.94
N CYS A 69 -20.33 -6.97 14.71
CA CYS A 69 -20.06 -8.28 14.13
C CYS A 69 -19.26 -9.20 15.05
N VAL A 70 -18.12 -8.71 15.51
CA VAL A 70 -17.25 -9.49 16.39
C VAL A 70 -17.90 -9.82 17.72
N ALA A 71 -18.56 -8.84 18.34
CA ALA A 71 -19.21 -9.06 19.63
C ALA A 71 -20.34 -10.10 19.51
N GLU A 72 -21.08 -10.05 18.42
CA GLU A 72 -22.18 -10.99 18.21
C GLU A 72 -21.70 -12.42 18.04
N LEU A 73 -20.68 -12.62 17.20
CA LEU A 73 -20.13 -13.95 16.97
C LEU A 73 -19.50 -14.49 18.23
N LEU A 74 -18.91 -13.59 19.03
CA LEU A 74 -18.29 -14.01 20.28
C LEU A 74 -19.32 -14.63 21.23
N ASP A 75 -20.55 -14.13 21.18
CA ASP A 75 -21.60 -14.65 22.05
C ASP A 75 -22.20 -15.91 21.47
N ARG A 76 -22.24 -16.01 20.14
CA ARG A 76 -22.80 -17.20 19.49
C ARG A 76 -21.81 -18.36 19.52
N TRP A 77 -20.52 -18.06 19.41
CA TRP A 77 -19.49 -19.11 19.41
C TRP A 77 -18.61 -19.17 20.64
N GLY A 78 -18.40 -18.05 21.31
CA GLY A 78 -17.54 -18.04 22.48
C GLY A 78 -16.11 -17.74 22.09
N SER A 79 -15.81 -17.84 20.79
CA SER A 79 -14.47 -17.55 20.30
C SER A 79 -14.37 -17.68 18.78
N ILE A 80 -13.54 -16.83 18.18
CA ILE A 80 -13.33 -16.84 16.74
C ILE A 80 -11.94 -17.42 16.55
N ASP A 81 -11.85 -18.59 15.92
CA ASP A 81 -10.56 -19.24 15.71
C ASP A 81 -9.86 -18.80 14.44
N ILE A 82 -10.64 -18.57 13.38
CA ILE A 82 -10.06 -18.19 12.10
C ILE A 82 -10.76 -17.01 11.44
N LEU A 83 -9.97 -16.11 10.86
CA LEU A 83 -10.49 -14.93 10.19
C LEU A 83 -9.91 -14.84 8.80
N VAL A 84 -10.78 -14.73 7.79
CA VAL A 84 -10.33 -14.63 6.42
C VAL A 84 -10.82 -13.34 5.78
N ASN A 85 -9.93 -12.37 5.65
CA ASN A 85 -10.27 -11.10 5.02
C ASN A 85 -10.36 -11.29 3.51
N ASN A 86 -11.53 -11.68 3.04
CA ASN A 86 -11.77 -11.90 1.61
C ASN A 86 -12.48 -10.72 0.91
N ALA A 87 -13.17 -9.88 1.67
CA ALA A 87 -13.90 -8.73 1.08
C ALA A 87 -12.97 -7.79 0.32
N ALA A 88 -13.33 -7.49 -0.92
CA ALA A 88 -12.49 -6.60 -1.72
C ALA A 88 -13.22 -6.06 -2.94
N LEU A 89 -12.64 -5.01 -3.53
CA LEU A 89 -13.21 -4.39 -4.71
C LEU A 89 -12.14 -4.23 -5.76
N PHE A 90 -12.56 -4.26 -7.01
CA PHE A 90 -11.64 -4.13 -8.12
C PHE A 90 -12.05 -2.95 -9.01
N ASP A 91 -11.08 -2.40 -9.73
CA ASP A 91 -11.34 -1.27 -10.61
C ASP A 91 -10.07 -1.02 -11.40
N LEU A 92 -10.19 -0.35 -12.54
CA LEU A 92 -9.02 -0.07 -13.36
C LEU A 92 -9.17 1.23 -14.12
N ALA A 93 -8.05 1.89 -14.37
CA ALA A 93 -8.03 3.14 -15.09
C ALA A 93 -6.61 3.66 -15.12
N PRO A 94 -6.22 4.34 -16.21
CA PRO A 94 -4.86 4.87 -16.32
C PRO A 94 -4.64 5.94 -15.26
N ILE A 95 -3.39 6.31 -15.04
CA ILE A 95 -3.04 7.32 -14.06
C ILE A 95 -3.84 8.61 -14.26
N VAL A 96 -3.77 9.20 -15.45
CA VAL A 96 -4.47 10.46 -15.70
C VAL A 96 -6.00 10.39 -15.65
N GLU A 97 -6.56 9.21 -15.40
CA GLU A 97 -8.02 9.07 -15.34
C GLU A 97 -8.52 8.59 -14.00
N ILE A 98 -7.60 8.33 -13.08
CA ILE A 98 -8.00 7.85 -11.77
C ILE A 98 -8.84 8.92 -11.08
N THR A 99 -9.90 8.50 -10.42
CA THR A 99 -10.79 9.42 -9.73
C THR A 99 -10.66 9.28 -8.23
N ARG A 100 -11.05 10.32 -7.50
CA ARG A 100 -10.95 10.28 -6.03
C ARG A 100 -11.93 9.27 -5.47
N GLU A 101 -12.98 9.00 -6.24
CA GLU A 101 -13.98 8.05 -5.77
C GLU A 101 -13.44 6.63 -5.90
N SER A 102 -12.67 6.36 -6.94
CA SER A 102 -12.12 5.02 -7.10
C SER A 102 -11.13 4.78 -5.98
N TYR A 103 -10.21 5.72 -5.81
CA TYR A 103 -9.21 5.63 -4.75
C TYR A 103 -9.87 5.45 -3.39
N ASP A 104 -10.71 6.40 -3.00
CA ASP A 104 -11.40 6.39 -1.70
C ASP A 104 -12.07 5.07 -1.38
N ARG A 105 -12.77 4.52 -2.36
CA ARG A 105 -13.50 3.26 -2.18
C ARG A 105 -12.63 2.00 -2.05
N LEU A 106 -11.70 1.80 -2.99
CA LEU A 106 -10.86 0.61 -2.94
C LEU A 106 -10.00 0.55 -1.67
N PHE A 107 -9.40 1.69 -1.29
CA PHE A 107 -8.58 1.68 -0.08
C PHE A 107 -9.41 1.48 1.16
N ALA A 108 -10.63 2.03 1.17
CA ALA A 108 -11.52 1.88 2.32
C ALA A 108 -11.84 0.40 2.59
N ILE A 109 -12.15 -0.33 1.53
CA ILE A 109 -12.49 -1.74 1.68
C ILE A 109 -11.32 -2.72 1.69
N ASN A 110 -10.46 -2.63 0.70
CA ASN A 110 -9.30 -3.52 0.58
C ASN A 110 -8.27 -3.40 1.69
N VAL A 111 -7.84 -2.16 1.95
CA VAL A 111 -6.85 -1.86 2.98
C VAL A 111 -7.48 -1.67 4.36
N SER A 112 -8.12 -0.52 4.55
CA SER A 112 -8.79 -0.18 5.80
C SER A 112 -9.63 -1.33 6.37
N GLY A 113 -10.46 -1.92 5.51
CA GLY A 113 -11.29 -3.02 5.95
C GLY A 113 -10.49 -4.19 6.51
N THR A 114 -9.44 -4.57 5.81
CA THR A 114 -8.59 -5.68 6.25
C THR A 114 -7.89 -5.36 7.56
N LEU A 115 -7.33 -4.15 7.65
CA LEU A 115 -6.62 -3.74 8.85
C LEU A 115 -7.46 -3.74 10.12
N PHE A 116 -8.53 -2.94 10.13
CA PHE A 116 -9.36 -2.86 11.33
C PHE A 116 -10.13 -4.14 11.65
N MET A 117 -10.36 -4.96 10.64
CA MET A 117 -11.04 -6.24 10.86
C MET A 117 -10.01 -7.12 11.59
N MET A 118 -8.75 -7.02 11.20
CA MET A 118 -7.67 -7.78 11.84
C MET A 118 -7.54 -7.33 13.29
N GLN A 119 -7.56 -6.03 13.48
CA GLN A 119 -7.43 -5.46 14.81
C GLN A 119 -8.55 -5.90 15.73
N ALA A 120 -9.78 -5.87 15.23
CA ALA A 120 -10.92 -6.29 16.03
C ALA A 120 -10.80 -7.75 16.47
N VAL A 121 -10.55 -8.65 15.52
CA VAL A 121 -10.42 -10.08 15.83
C VAL A 121 -9.17 -10.40 16.67
N ALA A 122 -8.06 -9.76 16.34
CA ALA A 122 -6.83 -9.99 17.09
C ALA A 122 -7.02 -9.65 18.57
N ARG A 123 -7.73 -8.56 18.85
CA ARG A 123 -7.97 -8.15 20.23
C ARG A 123 -8.75 -9.21 20.97
N ALA A 124 -9.69 -9.84 20.28
CA ALA A 124 -10.50 -10.90 20.87
C ALA A 124 -9.62 -12.13 21.13
N MET A 125 -8.83 -12.52 20.13
CA MET A 125 -7.95 -13.68 20.26
C MET A 125 -6.99 -13.53 21.42
N ILE A 126 -6.39 -12.36 21.54
CA ILE A 126 -5.45 -12.12 22.63
C ILE A 126 -6.17 -12.37 23.97
N ALA A 127 -7.38 -11.84 24.09
CA ALA A 127 -8.17 -12.01 25.31
C ALA A 127 -8.49 -13.49 25.50
N GLY A 128 -8.88 -14.15 24.42
CA GLY A 128 -9.19 -15.57 24.49
C GLY A 128 -8.06 -16.38 25.10
N GLY A 129 -6.82 -15.93 24.88
CA GLY A 129 -5.68 -16.63 25.45
C GLY A 129 -5.24 -17.92 24.77
N ARG A 130 -5.79 -18.23 23.61
CA ARG A 130 -5.39 -19.46 22.91
C ARG A 130 -5.09 -19.25 21.42
N GLY A 131 -4.47 -18.11 21.11
CA GLY A 131 -4.09 -17.79 19.75
C GLY A 131 -5.18 -17.85 18.70
N GLY A 132 -4.75 -18.01 17.45
CA GLY A 132 -5.68 -18.10 16.34
C GLY A 132 -4.98 -17.98 15.00
N LYS A 133 -5.75 -18.08 13.92
CA LYS A 133 -5.20 -17.98 12.58
C LYS A 133 -5.88 -16.85 11.79
N ILE A 134 -5.08 -16.04 11.10
CA ILE A 134 -5.62 -14.96 10.29
C ILE A 134 -5.04 -15.09 8.89
N ILE A 135 -5.91 -15.12 7.90
CA ILE A 135 -5.48 -15.24 6.51
C ILE A 135 -6.00 -14.06 5.71
N ASN A 136 -5.08 -13.31 5.10
CA ASN A 136 -5.48 -12.17 4.27
C ASN A 136 -5.42 -12.59 2.81
N MET A 137 -6.22 -11.94 1.99
CA MET A 137 -6.24 -12.22 0.58
C MET A 137 -5.55 -11.12 -0.21
N ALA A 138 -4.34 -11.40 -0.68
CA ALA A 138 -3.62 -10.42 -1.46
C ALA A 138 -3.96 -10.76 -2.91
N SER A 139 -2.96 -10.72 -3.78
CA SER A 139 -3.17 -11.00 -5.20
C SER A 139 -1.89 -10.72 -5.94
N GLN A 140 -1.75 -11.33 -7.11
CA GLN A 140 -0.55 -11.09 -7.91
C GLN A 140 -0.39 -9.59 -8.15
N ALA A 141 -1.51 -8.88 -8.19
CA ALA A 141 -1.51 -7.44 -8.42
C ALA A 141 -0.69 -6.72 -7.36
N GLY A 142 -0.66 -7.28 -6.15
CA GLY A 142 0.09 -6.69 -5.08
C GLY A 142 1.59 -6.94 -5.11
N ARG A 143 2.04 -7.73 -6.09
CA ARG A 143 3.47 -8.08 -6.24
C ARG A 143 4.20 -7.10 -7.15
N ARG A 144 3.51 -6.63 -8.18
CA ARG A 144 4.09 -5.68 -9.12
C ARG A 144 3.00 -4.78 -9.68
N GLY A 145 3.36 -3.53 -9.97
CA GLY A 145 2.38 -2.60 -10.50
C GLY A 145 2.01 -2.92 -11.93
N GLU A 146 0.90 -2.33 -12.39
CA GLU A 146 0.40 -2.49 -13.76
C GLU A 146 -0.07 -1.13 -14.26
N ALA A 147 0.10 -0.89 -15.56
CA ALA A 147 -0.26 0.38 -16.16
C ALA A 147 -1.69 0.85 -15.94
N LEU A 148 -2.67 -0.03 -16.09
CA LEU A 148 -4.07 0.37 -15.93
C LEU A 148 -4.72 -0.09 -14.62
N VAL A 149 -3.93 -0.54 -13.65
CA VAL A 149 -4.51 -1.01 -12.39
C VAL A 149 -3.82 -0.42 -11.17
N GLY A 150 -3.34 0.81 -11.31
CA GLY A 150 -2.66 1.49 -10.24
C GLY A 150 -3.30 1.42 -8.86
N VAL A 151 -4.57 1.84 -8.77
CA VAL A 151 -5.26 1.85 -7.48
C VAL A 151 -5.43 0.46 -6.87
N TYR A 152 -5.93 -0.49 -7.64
CA TYR A 152 -6.11 -1.85 -7.12
C TYR A 152 -4.77 -2.45 -6.65
N CYS A 153 -3.75 -2.36 -7.51
CA CYS A 153 -2.42 -2.88 -7.21
C CYS A 153 -1.89 -2.33 -5.90
N ALA A 154 -2.03 -1.02 -5.72
CA ALA A 154 -1.54 -0.36 -4.50
C ALA A 154 -2.23 -0.86 -3.26
N THR A 155 -3.50 -1.24 -3.36
CA THR A 155 -4.21 -1.74 -2.18
C THR A 155 -3.68 -3.12 -1.82
N LYS A 156 -3.42 -3.93 -2.83
CA LYS A 156 -2.92 -5.26 -2.57
C LYS A 156 -1.49 -5.23 -2.03
N ALA A 157 -0.68 -4.31 -2.52
CA ALA A 157 0.67 -4.20 -2.01
C ALA A 157 0.59 -3.87 -0.52
N ALA A 158 -0.37 -3.02 -0.16
CA ALA A 158 -0.56 -2.64 1.23
C ALA A 158 -0.99 -3.83 2.09
N VAL A 159 -1.81 -4.70 1.52
CA VAL A 159 -2.26 -5.88 2.25
C VAL A 159 -1.08 -6.78 2.59
N ILE A 160 -0.18 -6.93 1.63
CA ILE A 160 1.01 -7.75 1.83
C ILE A 160 1.84 -7.14 2.94
N SER A 161 1.98 -5.82 2.91
CA SER A 161 2.75 -5.11 3.93
C SER A 161 2.14 -5.30 5.32
N LEU A 162 0.82 -5.13 5.41
CA LEU A 162 0.13 -5.29 6.69
C LEU A 162 0.21 -6.73 7.23
N THR A 163 0.23 -7.70 6.33
CA THR A 163 0.32 -9.11 6.72
C THR A 163 1.66 -9.35 7.41
N GLN A 164 2.71 -8.74 6.89
CA GLN A 164 4.04 -8.89 7.47
C GLN A 164 4.11 -8.20 8.82
N SER A 165 3.63 -6.95 8.89
CA SER A 165 3.66 -6.21 10.13
C SER A 165 2.82 -6.88 11.20
N ALA A 166 1.60 -7.27 10.85
CA ALA A 166 0.74 -7.93 11.82
C ALA A 166 1.37 -9.25 12.22
N GLY A 167 1.88 -9.99 11.22
CA GLY A 167 2.49 -11.27 11.47
C GLY A 167 3.59 -11.25 12.51
N LEU A 168 4.56 -10.34 12.35
CA LEU A 168 5.66 -10.24 13.30
C LEU A 168 5.17 -9.78 14.67
N ASN A 169 4.16 -8.91 14.67
CA ASN A 169 3.63 -8.35 15.90
C ASN A 169 2.70 -9.27 16.68
N LEU A 170 1.91 -10.07 15.98
CA LEU A 170 0.97 -10.94 16.66
C LEU A 170 1.40 -12.37 16.96
N ILE A 171 2.48 -12.84 16.34
CA ILE A 171 2.94 -14.21 16.57
C ILE A 171 3.28 -14.49 18.03
N ARG A 172 3.65 -13.45 18.78
CA ARG A 172 4.01 -13.59 20.19
C ARG A 172 2.79 -14.05 20.99
N HIS A 173 1.59 -13.75 20.49
CA HIS A 173 0.36 -14.13 21.19
C HIS A 173 -0.20 -15.42 20.62
N GLY A 174 0.56 -16.07 19.77
CA GLY A 174 0.10 -17.33 19.19
C GLY A 174 -0.83 -17.14 18.02
N ILE A 175 -0.75 -15.99 17.37
CA ILE A 175 -1.61 -15.71 16.23
C ILE A 175 -0.76 -15.68 14.96
N ASN A 176 -1.08 -16.56 14.02
CA ASN A 176 -0.36 -16.63 12.76
C ASN A 176 -1.09 -15.77 11.74
N VAL A 177 -0.34 -14.92 11.05
CA VAL A 177 -0.92 -14.08 10.02
C VAL A 177 -0.16 -14.29 8.70
N ASN A 178 -0.88 -14.76 7.68
CA ASN A 178 -0.27 -14.99 6.38
C ASN A 178 -1.31 -14.58 5.35
N ALA A 179 -0.92 -14.57 4.08
CA ALA A 179 -1.84 -14.19 3.01
C ALA A 179 -1.72 -15.13 1.82
N ILE A 180 -2.77 -15.16 1.00
CA ILE A 180 -2.78 -15.99 -0.21
C ILE A 180 -2.86 -15.01 -1.37
N ALA A 181 -2.06 -15.21 -2.40
CA ALA A 181 -2.08 -14.31 -3.55
C ALA A 181 -2.51 -15.03 -4.83
N PRO A 182 -3.82 -14.97 -5.14
CA PRO A 182 -4.33 -15.63 -6.35
C PRO A 182 -3.76 -14.95 -7.59
N GLY A 183 -3.92 -15.59 -8.74
CA GLY A 183 -3.45 -15.00 -9.97
C GLY A 183 -4.70 -14.47 -10.64
N VAL A 184 -4.98 -14.93 -11.85
CA VAL A 184 -6.18 -14.51 -12.56
C VAL A 184 -7.25 -15.57 -12.32
N VAL A 185 -8.30 -15.21 -11.60
CA VAL A 185 -9.37 -16.16 -11.30
C VAL A 185 -10.60 -15.83 -12.13
N ASP A 186 -11.15 -16.84 -12.79
CA ASP A 186 -12.33 -16.64 -13.61
C ASP A 186 -13.54 -16.30 -12.73
N GLY A 187 -14.48 -15.61 -13.35
CA GLY A 187 -15.70 -15.18 -12.68
C GLY A 187 -16.44 -14.32 -13.69
N GLU A 188 -17.68 -13.97 -13.38
CA GLU A 188 -18.45 -13.15 -14.31
C GLU A 188 -17.84 -11.76 -14.53
N HIS A 189 -17.25 -11.19 -13.49
CA HIS A 189 -16.64 -9.86 -13.59
C HIS A 189 -15.77 -9.70 -14.83
N TRP A 190 -15.29 -10.80 -15.38
CA TRP A 190 -14.43 -10.76 -16.56
C TRP A 190 -15.11 -10.23 -17.82
N ASP A 191 -16.44 -10.17 -17.80
CA ASP A 191 -17.18 -9.68 -18.96
C ASP A 191 -16.86 -8.20 -19.13
N GLY A 192 -17.08 -7.43 -18.07
CA GLY A 192 -16.84 -6.00 -18.10
C GLY A 192 -15.37 -5.64 -18.11
N VAL A 193 -14.59 -6.36 -17.30
CA VAL A 193 -13.16 -6.11 -17.21
C VAL A 193 -12.57 -6.20 -18.60
N ASP A 194 -12.96 -7.26 -19.32
CA ASP A 194 -12.48 -7.49 -20.67
C ASP A 194 -12.89 -6.31 -21.57
N ALA A 195 -14.12 -5.85 -21.40
CA ALA A 195 -14.63 -4.73 -22.18
C ALA A 195 -13.76 -3.51 -21.95
N LYS A 196 -13.39 -3.31 -20.68
CA LYS A 196 -12.55 -2.19 -20.28
C LYS A 196 -11.23 -2.22 -21.05
N PHE A 197 -10.48 -3.31 -20.93
CA PHE A 197 -9.20 -3.44 -21.61
C PHE A 197 -9.37 -3.33 -23.12
N ALA A 198 -10.39 -3.98 -23.65
CA ALA A 198 -10.65 -3.94 -25.08
C ALA A 198 -10.73 -2.48 -25.55
N ASP A 199 -11.38 -1.66 -24.74
CA ASP A 199 -11.56 -0.24 -25.05
C ASP A 199 -10.30 0.58 -24.76
N TYR A 200 -9.60 0.23 -23.69
CA TYR A 200 -8.38 0.95 -23.29
C TYR A 200 -7.17 0.59 -24.15
N GLU A 201 -7.18 -0.58 -24.77
CA GLU A 201 -6.03 -1.01 -25.57
C GLU A 201 -6.29 -1.33 -27.04
N ASN A 202 -7.46 -0.94 -27.55
CA ASN A 202 -7.78 -1.20 -28.95
C ASN A 202 -7.64 -2.70 -29.23
N LEU A 203 -8.44 -3.49 -28.52
CA LEU A 203 -8.41 -4.94 -28.68
C LEU A 203 -9.83 -5.45 -28.94
N PRO A 204 -9.97 -6.52 -29.73
CA PRO A 204 -11.29 -7.07 -30.04
C PRO A 204 -11.97 -7.52 -28.75
N ARG A 205 -13.28 -7.37 -28.68
CA ARG A 205 -14.01 -7.77 -27.48
C ARG A 205 -13.78 -9.26 -27.21
N GLY A 206 -13.17 -9.58 -26.08
CA GLY A 206 -12.92 -10.97 -25.73
C GLY A 206 -11.49 -11.44 -25.88
N GLU A 207 -10.66 -10.66 -26.57
CA GLU A 207 -9.27 -11.00 -26.78
C GLU A 207 -8.45 -10.95 -25.49
N LYS A 208 -8.71 -9.95 -24.67
CA LYS A 208 -7.98 -9.78 -23.42
C LYS A 208 -8.10 -10.98 -22.50
N LYS A 209 -9.33 -11.42 -22.25
CA LYS A 209 -9.55 -12.58 -21.38
C LYS A 209 -8.90 -13.82 -21.94
N ARG A 210 -8.82 -13.89 -23.26
CA ARG A 210 -8.21 -15.03 -23.94
C ARG A 210 -6.69 -14.99 -23.74
N GLN A 211 -6.10 -13.83 -24.00
CA GLN A 211 -4.65 -13.64 -23.84
C GLN A 211 -4.23 -14.00 -22.43
N VAL A 212 -4.91 -13.40 -21.47
CA VAL A 212 -4.62 -13.60 -20.04
C VAL A 212 -4.61 -15.06 -19.61
N GLY A 213 -5.66 -15.79 -19.97
CA GLY A 213 -5.77 -17.20 -19.59
C GLY A 213 -4.74 -18.09 -20.27
N ALA A 214 -4.30 -17.71 -21.46
CA ALA A 214 -3.32 -18.49 -22.21
C ALA A 214 -1.89 -18.17 -21.76
N ALA A 215 -1.71 -17.02 -21.12
CA ALA A 215 -0.38 -16.62 -20.66
C ALA A 215 0.00 -17.29 -19.35
N VAL A 216 -1.00 -17.85 -18.66
CA VAL A 216 -0.75 -18.54 -17.39
C VAL A 216 0.04 -19.81 -17.69
N PRO A 217 1.24 -19.93 -17.10
CA PRO A 217 2.08 -21.11 -17.32
C PRO A 217 1.30 -22.42 -17.22
N PHE A 218 0.53 -22.59 -16.15
CA PHE A 218 -0.27 -23.79 -15.95
C PHE A 218 -1.17 -24.09 -17.16
N GLY A 219 -1.50 -23.06 -17.94
CA GLY A 219 -2.32 -23.29 -19.12
C GLY A 219 -3.80 -22.95 -19.04
N ARG A 220 -4.23 -22.31 -17.96
CA ARG A 220 -5.63 -21.93 -17.83
C ARG A 220 -5.85 -20.92 -16.72
N MET A 221 -7.00 -20.25 -16.79
CA MET A 221 -7.36 -19.26 -15.79
C MET A 221 -7.65 -20.01 -14.49
N GLY A 222 -7.50 -19.31 -13.36
CA GLY A 222 -7.74 -19.91 -12.07
C GLY A 222 -9.18 -20.29 -11.78
N ARG A 223 -9.36 -21.03 -10.69
CA ARG A 223 -10.67 -21.49 -10.26
C ARG A 223 -10.67 -21.48 -8.74
N ALA A 224 -11.85 -21.28 -8.14
CA ALA A 224 -11.92 -21.24 -6.68
C ALA A 224 -11.33 -22.51 -6.06
N GLU A 225 -11.61 -23.66 -6.68
CA GLU A 225 -11.13 -24.94 -6.19
C GLU A 225 -9.60 -25.03 -6.11
N ASP A 226 -8.90 -24.18 -6.85
CA ASP A 226 -7.45 -24.20 -6.83
C ASP A 226 -6.91 -23.56 -5.55
N LEU A 227 -7.75 -22.75 -4.92
CA LEU A 227 -7.37 -22.01 -3.71
C LEU A 227 -7.75 -22.62 -2.37
N THR A 228 -8.85 -23.36 -2.31
CA THR A 228 -9.32 -23.95 -1.06
C THR A 228 -8.31 -24.80 -0.29
N GLY A 229 -7.45 -25.54 -0.99
CA GLY A 229 -6.47 -26.37 -0.31
C GLY A 229 -5.54 -25.53 0.58
N MET A 230 -5.00 -24.46 0.01
CA MET A 230 -4.12 -23.56 0.75
C MET A 230 -4.88 -22.83 1.87
N ALA A 231 -6.11 -22.43 1.59
CA ALA A 231 -6.94 -21.74 2.57
C ALA A 231 -7.09 -22.62 3.83
N ILE A 232 -7.22 -23.92 3.61
CA ILE A 232 -7.35 -24.89 4.70
C ILE A 232 -6.00 -25.15 5.39
N PHE A 233 -4.97 -25.40 4.59
CA PHE A 233 -3.65 -25.69 5.11
C PHE A 233 -3.13 -24.62 6.09
N LEU A 234 -3.22 -23.35 5.69
CA LEU A 234 -2.75 -22.26 6.54
C LEU A 234 -3.46 -22.16 7.88
N ALA A 235 -4.62 -22.79 7.99
CA ALA A 235 -5.41 -22.75 9.21
C ALA A 235 -5.15 -23.94 10.14
N THR A 236 -4.33 -24.89 9.70
CA THR A 236 -4.04 -26.07 10.50
C THR A 236 -2.75 -25.96 11.30
N PRO A 237 -2.55 -26.84 12.29
CA PRO A 237 -1.32 -26.76 13.08
C PRO A 237 -0.07 -27.17 12.29
N GLU A 238 -0.25 -27.71 11.09
CA GLU A 238 0.90 -28.08 10.28
C GLU A 238 1.53 -26.82 9.71
N ALA A 239 0.90 -25.68 9.98
CA ALA A 239 1.39 -24.38 9.51
C ALA A 239 1.77 -23.45 10.66
N ASP A 240 1.79 -23.97 11.88
CA ASP A 240 2.14 -23.16 13.05
C ASP A 240 3.47 -22.43 12.92
N TYR A 241 4.36 -22.91 12.07
CA TYR A 241 5.66 -22.27 11.94
C TYR A 241 5.71 -21.33 10.73
N ILE A 242 4.57 -21.15 10.07
CA ILE A 242 4.52 -20.24 8.91
C ILE A 242 4.01 -18.87 9.38
N VAL A 243 4.90 -17.88 9.38
CA VAL A 243 4.57 -16.53 9.85
C VAL A 243 4.88 -15.39 8.89
N ALA A 244 3.92 -14.48 8.73
CA ALA A 244 4.06 -13.30 7.88
C ALA A 244 4.48 -13.58 6.45
N GLN A 245 3.86 -14.58 5.83
CA GLN A 245 4.18 -14.94 4.45
C GLN A 245 2.98 -14.69 3.56
N THR A 246 3.26 -14.54 2.27
CA THR A 246 2.25 -14.37 1.24
C THR A 246 2.61 -15.46 0.22
N TYR A 247 1.74 -16.46 0.10
CA TYR A 247 1.95 -17.59 -0.81
C TYR A 247 1.18 -17.44 -2.10
N ASN A 248 1.88 -17.48 -3.23
CA ASN A 248 1.25 -17.34 -4.53
C ASN A 248 0.66 -18.66 -5.03
N VAL A 249 -0.63 -18.66 -5.33
CA VAL A 249 -1.32 -19.84 -5.86
C VAL A 249 -1.95 -19.32 -7.14
N ASP A 250 -1.11 -19.16 -8.16
CA ASP A 250 -1.49 -18.58 -9.44
C ASP A 250 -1.08 -19.35 -10.70
N GLY A 251 -0.85 -20.66 -10.59
CA GLY A 251 -0.45 -21.42 -11.76
C GLY A 251 0.83 -20.93 -12.43
N GLY A 252 1.67 -20.23 -11.66
CA GLY A 252 2.92 -19.75 -12.21
C GLY A 252 2.91 -18.32 -12.73
N ASN A 253 1.77 -17.64 -12.62
CA ASN A 253 1.65 -16.25 -13.10
C ASN A 253 2.73 -15.32 -12.56
N TRP A 254 3.06 -15.47 -11.29
CA TRP A 254 4.11 -14.66 -10.68
C TRP A 254 4.93 -15.57 -9.77
N MET A 255 6.24 -15.35 -9.72
CA MET A 255 7.10 -16.20 -8.91
C MET A 255 7.73 -15.51 -7.71
N SER A 256 7.38 -15.97 -6.52
CA SER A 256 7.92 -15.40 -5.30
C SER A 256 8.55 -16.48 -4.42
N MET B 1 26.77 22.25 -13.64
CA MET B 1 25.31 22.35 -13.88
C MET B 1 24.72 21.14 -14.63
N ARG B 2 24.25 20.15 -13.89
CA ARG B 2 23.64 18.95 -14.46
C ARG B 2 22.14 19.10 -14.72
N LEU B 3 21.53 20.06 -14.03
CA LEU B 3 20.09 20.35 -14.15
C LEU B 3 19.87 21.78 -14.63
N ASP B 4 20.79 22.26 -15.45
CA ASP B 4 20.74 23.61 -15.98
C ASP B 4 19.50 23.93 -16.81
N GLY B 5 18.79 24.99 -16.41
CA GLY B 5 17.60 25.42 -17.14
C GLY B 5 16.33 24.64 -16.88
N LYS B 6 16.31 23.87 -15.80
CA LYS B 6 15.13 23.07 -15.50
C LYS B 6 14.42 23.53 -14.25
N THR B 7 13.15 23.16 -14.17
CA THR B 7 12.32 23.52 -13.03
C THR B 7 11.89 22.27 -12.27
N ALA B 8 11.88 22.38 -10.95
CA ALA B 8 11.49 21.25 -10.11
C ALA B 8 10.60 21.68 -8.95
N LEU B 9 9.50 20.96 -8.79
CA LEU B 9 8.56 21.20 -7.70
C LEU B 9 8.86 20.12 -6.67
N ILE B 10 9.23 20.52 -5.45
CA ILE B 10 9.53 19.58 -4.38
C ILE B 10 8.57 19.81 -3.20
N THR B 11 7.71 18.84 -2.95
CA THR B 11 6.74 18.94 -1.87
C THR B 11 7.34 18.70 -0.48
N GLY B 12 6.87 19.46 0.49
CA GLY B 12 7.38 19.34 1.84
C GLY B 12 8.86 19.67 1.93
N SER B 13 9.31 20.64 1.12
CA SER B 13 10.71 21.03 1.10
C SER B 13 11.12 22.22 1.96
N ALA B 14 10.26 22.63 2.88
CA ALA B 14 10.61 23.75 3.74
C ALA B 14 11.74 23.35 4.69
N ARG B 15 11.77 22.08 5.06
CA ARG B 15 12.81 21.57 5.97
C ARG B 15 13.22 20.14 5.60
N GLY B 16 14.14 19.59 6.39
CA GLY B 16 14.60 18.22 6.18
C GLY B 16 15.20 17.84 4.85
N ILE B 17 14.96 16.60 4.46
CA ILE B 17 15.47 16.04 3.22
C ILE B 17 14.96 16.80 2.01
N GLY B 18 13.72 17.26 2.08
CA GLY B 18 13.13 18.02 0.99
C GLY B 18 13.93 19.27 0.72
N ARG B 19 14.40 19.93 1.78
CA ARG B 19 15.19 21.14 1.63
C ARG B 19 16.58 20.85 1.07
N ALA B 20 17.15 19.71 1.44
CA ALA B 20 18.48 19.34 0.94
C ALA B 20 18.42 19.11 -0.57
N PHE B 21 17.34 18.50 -1.04
CA PHE B 21 17.17 18.27 -2.47
C PHE B 21 17.08 19.61 -3.20
N ALA B 22 16.28 20.53 -2.66
CA ALA B 22 16.11 21.85 -3.27
C ALA B 22 17.43 22.60 -3.36
N GLU B 23 18.19 22.64 -2.27
CA GLU B 23 19.48 23.32 -2.30
C GLU B 23 20.40 22.67 -3.32
N ALA B 24 20.37 21.34 -3.39
CA ALA B 24 21.22 20.61 -4.34
C ALA B 24 20.83 20.88 -5.79
N TYR B 25 19.53 20.87 -6.06
CA TYR B 25 19.04 21.13 -7.43
C TYR B 25 19.38 22.54 -7.86
N VAL B 26 19.32 23.48 -6.92
CA VAL B 26 19.64 24.86 -7.24
C VAL B 26 21.12 24.98 -7.59
N ARG B 27 21.93 24.18 -6.91
CA ARG B 27 23.37 24.19 -7.16
C ARG B 27 23.67 23.65 -8.57
N GLU B 28 22.82 22.75 -9.06
CA GLU B 28 23.01 22.20 -10.40
C GLU B 28 22.42 23.06 -11.50
N GLY B 29 22.06 24.30 -11.16
CA GLY B 29 21.51 25.23 -12.13
C GLY B 29 20.02 25.15 -12.42
N ALA B 30 19.24 24.73 -11.43
CA ALA B 30 17.80 24.62 -11.65
C ALA B 30 16.99 25.64 -10.85
N ARG B 31 15.74 25.80 -11.26
CA ARG B 31 14.80 26.69 -10.58
C ARG B 31 13.91 25.76 -9.79
N VAL B 32 13.72 26.05 -8.51
CA VAL B 32 12.90 25.19 -7.67
C VAL B 32 11.74 25.90 -6.97
N ALA B 33 10.76 25.11 -6.54
CA ALA B 33 9.60 25.62 -5.84
C ALA B 33 9.53 24.99 -4.46
N ILE B 34 9.68 25.81 -3.42
CA ILE B 34 9.61 25.30 -2.06
C ILE B 34 8.13 25.27 -1.71
N ALA B 35 7.50 24.12 -1.91
CA ALA B 35 6.09 23.95 -1.61
C ALA B 35 5.93 23.36 -0.22
N ASP B 36 5.07 23.95 0.59
CA ASP B 36 4.85 23.46 1.94
C ASP B 36 3.48 23.93 2.38
N ILE B 37 2.93 23.27 3.40
CA ILE B 37 1.61 23.65 3.88
C ILE B 37 1.70 24.97 4.66
N ASN B 38 2.87 25.26 5.22
CA ASN B 38 3.09 26.50 5.95
C ASN B 38 3.89 27.48 5.11
N LEU B 39 3.19 28.46 4.52
CA LEU B 39 3.82 29.46 3.66
C LEU B 39 4.91 30.29 4.36
N GLU B 40 4.77 30.47 5.67
CA GLU B 40 5.75 31.23 6.44
C GLU B 40 7.11 30.56 6.27
N ALA B 41 7.18 29.29 6.62
CA ALA B 41 8.41 28.51 6.51
C ALA B 41 8.86 28.42 5.07
N ALA B 42 7.91 28.18 4.18
CA ALA B 42 8.21 28.08 2.76
C ALA B 42 8.94 29.33 2.27
N ARG B 43 8.39 30.50 2.57
CA ARG B 43 9.01 31.75 2.16
C ARG B 43 10.41 31.88 2.75
N ALA B 44 10.54 31.58 4.04
CA ALA B 44 11.82 31.67 4.73
C ALA B 44 12.92 30.86 4.05
N THR B 45 12.63 29.61 3.70
CA THR B 45 13.61 28.77 3.04
C THR B 45 13.91 29.26 1.64
N ALA B 46 12.88 29.70 0.92
CA ALA B 46 13.07 30.21 -0.45
C ALA B 46 13.97 31.44 -0.47
N ALA B 47 13.77 32.33 0.50
CA ALA B 47 14.58 33.55 0.60
C ALA B 47 16.01 33.17 0.95
N GLU B 48 16.14 32.16 1.81
CA GLU B 48 17.42 31.66 2.27
C GLU B 48 18.24 31.02 1.13
N ILE B 49 17.55 30.29 0.25
CA ILE B 49 18.21 29.62 -0.86
C ILE B 49 18.56 30.58 -2.00
N GLY B 50 17.74 31.59 -2.24
CA GLY B 50 18.06 32.53 -3.30
C GLY B 50 17.07 32.75 -4.43
N PRO B 51 17.41 33.67 -5.36
CA PRO B 51 16.59 34.04 -6.52
C PRO B 51 16.10 32.86 -7.37
N ALA B 52 16.72 31.70 -7.25
CA ALA B 52 16.30 30.55 -8.05
C ALA B 52 15.11 29.81 -7.45
N ALA B 53 14.94 29.97 -6.14
CA ALA B 53 13.85 29.31 -5.42
C ALA B 53 12.68 30.22 -5.06
N CYS B 54 11.46 29.73 -5.24
CA CYS B 54 10.27 30.51 -4.91
C CYS B 54 9.40 29.68 -3.96
N ALA B 55 8.61 30.34 -3.13
CA ALA B 55 7.76 29.63 -2.16
C ALA B 55 6.31 29.57 -2.63
N ILE B 56 5.58 28.56 -2.16
CA ILE B 56 4.18 28.39 -2.53
C ILE B 56 3.50 27.44 -1.56
N ALA B 57 2.30 27.81 -1.13
CA ALA B 57 1.55 27.00 -0.19
C ALA B 57 0.96 25.79 -0.89
N LEU B 58 1.08 24.63 -0.25
CA LEU B 58 0.56 23.39 -0.80
C LEU B 58 0.14 22.40 0.28
N ASP B 59 -1.07 21.87 0.14
CA ASP B 59 -1.59 20.87 1.05
C ASP B 59 -1.95 19.70 0.14
N VAL B 60 -1.03 18.75 0.02
CA VAL B 60 -1.21 17.59 -0.84
C VAL B 60 -2.46 16.75 -0.60
N THR B 61 -3.17 17.01 0.50
CA THR B 61 -4.40 16.27 0.80
C THR B 61 -5.66 16.99 0.31
N ASP B 62 -5.48 18.12 -0.36
CA ASP B 62 -6.61 18.90 -0.87
C ASP B 62 -6.49 19.11 -2.36
N GLN B 63 -7.42 18.54 -3.12
CA GLN B 63 -7.38 18.67 -4.56
C GLN B 63 -7.28 20.12 -5.01
N ALA B 64 -8.05 21.00 -4.36
CA ALA B 64 -8.06 22.42 -4.71
C ALA B 64 -6.66 23.00 -4.61
N SER B 65 -6.01 22.74 -3.48
CA SER B 65 -4.65 23.24 -3.26
C SER B 65 -3.70 22.67 -4.31
N ILE B 66 -3.94 21.42 -4.71
CA ILE B 66 -3.11 20.76 -5.71
C ILE B 66 -3.22 21.45 -7.06
N ASP B 67 -4.45 21.66 -7.52
CA ASP B 67 -4.67 22.31 -8.82
C ASP B 67 -4.16 23.75 -8.84
N ARG B 68 -4.31 24.47 -7.73
CA ARG B 68 -3.84 25.85 -7.66
C ARG B 68 -2.34 25.92 -7.74
N CYS B 69 -1.66 25.02 -7.04
CA CYS B 69 -0.20 24.99 -7.05
C CYS B 69 0.35 24.75 -8.45
N VAL B 70 -0.18 23.75 -9.15
CA VAL B 70 0.29 23.44 -10.50
C VAL B 70 0.04 24.60 -11.45
N ALA B 71 -1.20 25.09 -11.47
CA ALA B 71 -1.57 26.20 -12.34
C ALA B 71 -0.67 27.43 -12.12
N GLU B 72 -0.45 27.78 -10.86
CA GLU B 72 0.39 28.93 -10.55
C GLU B 72 1.80 28.75 -11.07
N LEU B 73 2.38 27.58 -10.83
CA LEU B 73 3.74 27.29 -11.28
C LEU B 73 3.82 27.27 -12.79
N LEU B 74 2.76 26.81 -13.45
CA LEU B 74 2.75 26.78 -14.90
C LEU B 74 2.79 28.20 -15.46
N ASP B 75 2.18 29.15 -14.76
CA ASP B 75 2.19 30.54 -15.21
C ASP B 75 3.54 31.18 -14.94
N ARG B 76 4.14 30.81 -13.81
CA ARG B 76 5.44 31.35 -13.44
C ARG B 76 6.60 30.77 -14.24
N TRP B 77 6.56 29.47 -14.52
CA TRP B 77 7.65 28.81 -15.26
C TRP B 77 7.34 28.46 -16.72
N GLY B 78 6.10 28.07 -17.00
CA GLY B 78 5.75 27.70 -18.35
C GLY B 78 5.72 26.19 -18.47
N SER B 79 6.38 25.51 -17.53
CA SER B 79 6.42 24.05 -17.52
C SER B 79 7.13 23.53 -16.27
N ILE B 80 6.71 22.36 -15.81
CA ILE B 80 7.32 21.71 -14.65
C ILE B 80 8.09 20.49 -15.16
N ASP B 81 9.42 20.57 -15.15
CA ASP B 81 10.23 19.46 -15.65
C ASP B 81 10.41 18.31 -14.68
N ILE B 82 10.53 18.63 -13.39
CA ILE B 82 10.75 17.61 -12.37
C ILE B 82 9.78 17.75 -11.19
N LEU B 83 9.32 16.62 -10.67
CA LEU B 83 8.42 16.61 -9.52
C LEU B 83 8.93 15.61 -8.48
N VAL B 84 9.27 16.08 -7.30
CA VAL B 84 9.75 15.19 -6.24
C VAL B 84 8.73 15.13 -5.12
N ASN B 85 8.02 14.00 -5.00
CA ASN B 85 7.04 13.83 -3.95
C ASN B 85 7.71 13.48 -2.62
N ASN B 86 8.20 14.49 -1.92
CA ASN B 86 8.88 14.29 -0.64
C ASN B 86 8.00 14.40 0.62
N ALA B 87 6.88 15.10 0.53
CA ALA B 87 5.99 15.29 1.67
C ALA B 87 5.49 13.97 2.27
N ALA B 88 5.59 13.82 3.59
CA ALA B 88 5.14 12.59 4.25
C ALA B 88 5.10 12.70 5.76
N LEU B 89 4.35 11.80 6.40
CA LEU B 89 4.24 11.76 7.86
C LEU B 89 4.64 10.39 8.38
N PHE B 90 5.21 10.36 9.58
CA PHE B 90 5.62 9.11 10.20
C PHE B 90 4.85 8.89 11.48
N ASP B 91 4.62 7.64 11.83
CA ASP B 91 3.89 7.31 13.04
C ASP B 91 4.08 5.83 13.37
N LEU B 92 3.93 5.46 14.63
CA LEU B 92 4.09 4.07 15.02
C LEU B 92 3.19 3.65 16.17
N ALA B 93 2.80 2.38 16.14
CA ALA B 93 1.92 1.81 17.16
C ALA B 93 1.60 0.35 16.82
N PRO B 94 1.49 -0.51 17.83
CA PRO B 94 1.18 -1.92 17.62
C PRO B 94 -0.17 -2.02 16.91
N ILE B 95 -0.47 -3.19 16.38
CA ILE B 95 -1.73 -3.41 15.68
C ILE B 95 -2.93 -3.07 16.54
N VAL B 96 -3.00 -3.64 17.74
CA VAL B 96 -4.13 -3.41 18.63
C VAL B 96 -4.26 -1.98 19.14
N GLU B 97 -3.32 -1.12 18.78
CA GLU B 97 -3.37 0.27 19.22
C GLU B 97 -3.46 1.28 18.08
N ILE B 98 -3.59 0.78 16.86
CA ILE B 98 -3.69 1.68 15.71
C ILE B 98 -5.04 2.41 15.72
N THR B 99 -5.01 3.73 15.56
CA THR B 99 -6.24 4.53 15.56
C THR B 99 -6.65 4.89 14.14
N ARG B 100 -7.94 5.08 13.93
CA ARG B 100 -8.45 5.46 12.62
C ARG B 100 -7.83 6.78 12.24
N GLU B 101 -7.59 7.59 13.26
CA GLU B 101 -7.05 8.90 13.03
C GLU B 101 -5.66 8.78 12.48
N SER B 102 -4.86 7.88 13.05
CA SER B 102 -3.49 7.71 12.55
C SER B 102 -3.54 7.21 11.12
N TYR B 103 -4.32 6.15 10.86
CA TYR B 103 -4.46 5.60 9.52
C TYR B 103 -4.84 6.67 8.49
N ASP B 104 -5.94 7.40 8.75
CA ASP B 104 -6.48 8.44 7.86
C ASP B 104 -5.46 9.47 7.34
N ARG B 105 -4.66 10.02 8.24
CA ARG B 105 -3.63 11.03 7.92
C ARG B 105 -2.50 10.52 7.03
N LEU B 106 -1.81 9.50 7.53
CA LEU B 106 -0.71 8.91 6.82
C LEU B 106 -1.08 8.51 5.41
N PHE B 107 -2.24 7.87 5.25
CA PHE B 107 -2.63 7.48 3.90
C PHE B 107 -3.01 8.70 3.06
N ALA B 108 -3.62 9.67 3.74
CA ALA B 108 -4.03 10.91 3.08
C ALA B 108 -2.83 11.67 2.54
N ILE B 109 -1.79 11.80 3.35
CA ILE B 109 -0.59 12.52 2.94
C ILE B 109 0.44 11.69 2.16
N ASN B 110 0.84 10.54 2.72
CA ASN B 110 1.83 9.67 2.08
C ASN B 110 1.41 9.01 0.77
N VAL B 111 0.17 8.54 0.71
CA VAL B 111 -0.32 7.87 -0.49
C VAL B 111 -1.16 8.77 -1.38
N SER B 112 -2.29 9.23 -0.86
CA SER B 112 -3.18 10.10 -1.62
C SER B 112 -2.43 11.32 -2.19
N GLY B 113 -1.68 11.98 -1.33
CA GLY B 113 -0.90 13.13 -1.76
C GLY B 113 0.03 12.83 -2.92
N THR B 114 0.74 11.70 -2.85
CA THR B 114 1.68 11.34 -3.92
C THR B 114 0.95 11.02 -5.23
N LEU B 115 -0.14 10.26 -5.13
CA LEU B 115 -0.89 9.88 -6.32
C LEU B 115 -1.47 11.08 -7.09
N PHE B 116 -2.35 11.84 -6.44
CA PHE B 116 -2.96 12.98 -7.11
C PHE B 116 -1.96 14.07 -7.50
N MET B 117 -0.89 14.22 -6.73
CA MET B 117 0.12 15.21 -7.06
C MET B 117 0.80 14.74 -8.36
N MET B 118 0.97 13.42 -8.50
CA MET B 118 1.59 12.82 -9.70
C MET B 118 0.68 13.04 -10.92
N GLN B 119 -0.60 12.78 -10.72
CA GLN B 119 -1.59 12.93 -11.78
C GLN B 119 -1.67 14.36 -12.31
N ALA B 120 -1.66 15.33 -11.39
CA ALA B 120 -1.74 16.74 -11.76
C ALA B 120 -0.58 17.17 -12.63
N VAL B 121 0.63 16.85 -12.17
CA VAL B 121 1.85 17.20 -12.90
C VAL B 121 2.04 16.38 -14.17
N ALA B 122 1.60 15.13 -14.14
CA ALA B 122 1.72 14.28 -15.33
C ALA B 122 0.88 14.92 -16.42
N ARG B 123 -0.36 15.26 -16.08
CA ARG B 123 -1.27 15.90 -17.04
C ARG B 123 -0.59 17.09 -17.69
N ALA B 124 0.04 17.94 -16.87
CA ALA B 124 0.73 19.11 -17.40
C ALA B 124 1.87 18.69 -18.31
N MET B 125 2.67 17.72 -17.88
CA MET B 125 3.80 17.25 -18.70
C MET B 125 3.32 16.68 -20.03
N ILE B 126 2.25 15.88 -20.00
CA ILE B 126 1.75 15.31 -21.25
C ILE B 126 1.32 16.43 -22.18
N ALA B 127 0.65 17.45 -21.63
CA ALA B 127 0.20 18.58 -22.43
C ALA B 127 1.40 19.39 -22.90
N GLY B 128 2.45 19.40 -22.09
CA GLY B 128 3.66 20.13 -22.44
C GLY B 128 4.30 19.55 -23.68
N GLY B 129 4.15 18.25 -23.87
CA GLY B 129 4.70 17.60 -25.06
C GLY B 129 6.18 17.29 -25.04
N ARG B 130 6.85 17.51 -23.92
CA ARG B 130 8.27 17.20 -23.86
C ARG B 130 8.66 16.38 -22.65
N GLY B 131 7.71 15.57 -22.17
CA GLY B 131 7.97 14.69 -21.04
C GLY B 131 8.44 15.33 -19.76
N GLY B 132 9.11 14.52 -18.93
CA GLY B 132 9.61 15.01 -17.66
C GLY B 132 10.09 13.90 -16.74
N LYS B 133 10.45 14.29 -15.52
CA LYS B 133 10.96 13.38 -14.50
C LYS B 133 10.17 13.45 -13.20
N ILE B 134 9.70 12.30 -12.72
CA ILE B 134 8.97 12.22 -11.47
C ILE B 134 9.73 11.28 -10.53
N ILE B 135 9.96 11.74 -9.30
CA ILE B 135 10.69 10.98 -8.30
C ILE B 135 9.88 10.90 -7.02
N ASN B 136 9.51 9.68 -6.61
CA ASN B 136 8.75 9.51 -5.39
C ASN B 136 9.69 9.11 -4.28
N MET B 137 9.30 9.41 -3.05
CA MET B 137 10.11 9.05 -1.91
C MET B 137 9.50 7.87 -1.22
N ALA B 138 10.18 6.75 -1.30
CA ALA B 138 9.72 5.52 -0.69
C ALA B 138 10.43 5.42 0.66
N SER B 139 10.82 4.22 1.04
CA SER B 139 11.49 4.01 2.31
C SER B 139 11.73 2.52 2.51
N GLN B 140 12.73 2.17 3.32
CA GLN B 140 12.99 0.76 3.57
C GLN B 140 11.72 0.16 4.16
N ALA B 141 10.95 0.98 4.86
CA ALA B 141 9.72 0.53 5.48
C ALA B 141 8.75 0.01 4.43
N GLY B 142 8.96 0.41 3.19
CA GLY B 142 8.11 -0.05 2.11
C GLY B 142 8.54 -1.41 1.55
N ARG B 143 9.74 -1.87 1.92
CA ARG B 143 10.26 -3.16 1.45
C ARG B 143 9.78 -4.33 2.31
N ARG B 144 9.63 -4.10 3.61
CA ARG B 144 9.17 -5.14 4.52
C ARG B 144 8.47 -4.50 5.71
N GLY B 145 7.46 -5.17 6.23
CA GLY B 145 6.72 -4.66 7.36
C GLY B 145 7.46 -4.75 8.68
N GLU B 146 6.95 -4.04 9.69
CA GLU B 146 7.54 -4.02 11.03
C GLU B 146 6.41 -4.11 12.04
N ALA B 147 6.68 -4.78 13.15
CA ALA B 147 5.68 -4.95 14.20
C ALA B 147 5.00 -3.67 14.66
N LEU B 148 5.78 -2.64 14.97
CA LEU B 148 5.23 -1.39 15.48
C LEU B 148 5.12 -0.25 14.45
N VAL B 149 5.18 -0.59 13.16
CA VAL B 149 5.12 0.47 12.14
C VAL B 149 4.16 0.09 11.01
N GLY B 150 3.12 -0.66 11.36
CA GLY B 150 2.16 -1.11 10.37
C GLY B 150 1.65 -0.05 9.40
N VAL B 151 1.11 1.03 9.94
CA VAL B 151 0.55 2.08 9.10
C VAL B 151 1.60 2.68 8.16
N TYR B 152 2.69 3.19 8.70
CA TYR B 152 3.73 3.79 7.88
C TYR B 152 4.28 2.85 6.80
N CYS B 153 4.55 1.59 7.17
CA CYS B 153 5.06 0.62 6.20
C CYS B 153 4.08 0.42 5.06
N ALA B 154 2.81 0.27 5.40
CA ALA B 154 1.78 0.08 4.38
C ALA B 154 1.75 1.24 3.37
N THR B 155 1.87 2.47 3.86
CA THR B 155 1.84 3.62 2.95
C THR B 155 3.03 3.61 2.00
N LYS B 156 4.20 3.26 2.51
CA LYS B 156 5.37 3.23 1.64
C LYS B 156 5.35 2.05 0.67
N ALA B 157 4.68 0.96 1.05
CA ALA B 157 4.57 -0.17 0.15
C ALA B 157 3.68 0.26 -1.02
N ALA B 158 2.64 1.03 -0.72
CA ALA B 158 1.72 1.52 -1.76
C ALA B 158 2.41 2.50 -2.69
N VAL B 159 3.37 3.25 -2.16
CA VAL B 159 4.14 4.21 -2.97
C VAL B 159 4.97 3.47 -4.01
N ILE B 160 5.68 2.43 -3.56
CA ILE B 160 6.51 1.63 -4.45
C ILE B 160 5.60 1.04 -5.56
N SER B 161 4.40 0.61 -5.18
CA SER B 161 3.47 0.06 -6.15
C SER B 161 3.02 1.12 -7.15
N LEU B 162 2.67 2.31 -6.63
CA LEU B 162 2.22 3.40 -7.50
C LEU B 162 3.35 3.84 -8.43
N THR B 163 4.58 3.79 -7.93
CA THR B 163 5.72 4.16 -8.76
C THR B 163 5.86 3.21 -9.97
N GLN B 164 5.53 1.94 -9.77
CA GLN B 164 5.63 0.97 -10.86
C GLN B 164 4.51 1.17 -11.85
N SER B 165 3.27 1.29 -11.35
CA SER B 165 2.11 1.49 -12.21
C SER B 165 2.23 2.76 -13.06
N ALA B 166 2.68 3.84 -12.43
CA ALA B 166 2.83 5.10 -13.15
C ALA B 166 3.99 5.00 -14.11
N GLY B 167 5.09 4.43 -13.65
CA GLY B 167 6.26 4.27 -14.49
C GLY B 167 5.91 3.58 -15.80
N LEU B 168 5.22 2.44 -15.71
CA LEU B 168 4.83 1.69 -16.90
C LEU B 168 3.80 2.40 -17.76
N ASN B 169 2.90 3.14 -17.12
CA ASN B 169 1.86 3.84 -17.86
C ASN B 169 2.34 5.14 -18.48
N LEU B 170 3.21 5.87 -17.79
CA LEU B 170 3.68 7.15 -18.31
C LEU B 170 4.94 7.17 -19.16
N ILE B 171 5.69 6.07 -19.18
CA ILE B 171 6.92 6.06 -19.96
C ILE B 171 6.64 6.30 -21.44
N ARG B 172 5.44 5.95 -21.90
CA ARG B 172 5.08 6.14 -23.31
C ARG B 172 4.99 7.62 -23.67
N HIS B 173 4.83 8.49 -22.68
CA HIS B 173 4.74 9.93 -22.91
C HIS B 173 6.06 10.64 -22.66
N GLY B 174 7.12 9.87 -22.43
CA GLY B 174 8.41 10.46 -22.18
C GLY B 174 8.58 10.91 -20.74
N ILE B 175 7.80 10.33 -19.84
CA ILE B 175 7.89 10.66 -18.43
C ILE B 175 8.46 9.50 -17.64
N ASN B 176 9.61 9.71 -17.00
CA ASN B 176 10.24 8.67 -16.18
C ASN B 176 9.77 8.78 -14.75
N VAL B 177 9.26 7.68 -14.21
CA VAL B 177 8.80 7.66 -12.83
C VAL B 177 9.61 6.62 -12.05
N ASN B 178 10.32 7.06 -11.02
CA ASN B 178 11.12 6.16 -10.19
C ASN B 178 11.04 6.64 -8.75
N ALA B 179 11.56 5.85 -7.83
CA ALA B 179 11.54 6.22 -6.42
C ALA B 179 12.87 5.94 -5.71
N ILE B 180 13.10 6.68 -4.63
CA ILE B 180 14.30 6.52 -3.81
C ILE B 180 13.82 5.99 -2.48
N ALA B 181 14.53 5.00 -1.93
CA ALA B 181 14.12 4.43 -0.66
C ALA B 181 15.24 4.59 0.35
N PRO B 182 15.16 5.62 1.21
CA PRO B 182 16.17 5.86 2.24
C PRO B 182 16.05 4.83 3.35
N GLY B 183 17.09 4.72 4.17
CA GLY B 183 17.04 3.78 5.27
C GLY B 183 16.65 4.56 6.51
N VAL B 184 17.53 4.61 7.48
CA VAL B 184 17.27 5.37 8.70
C VAL B 184 18.05 6.67 8.59
N VAL B 185 17.33 7.77 8.37
CA VAL B 185 17.98 9.06 8.28
C VAL B 185 17.86 9.73 9.63
N ASP B 186 18.98 10.29 10.10
CA ASP B 186 19.02 10.97 11.37
C ASP B 186 18.16 12.22 11.38
N GLY B 187 17.55 12.47 12.53
CA GLY B 187 16.71 13.64 12.69
C GLY B 187 16.48 13.91 14.16
N GLU B 188 15.89 15.07 14.41
CA GLU B 188 15.59 15.47 15.75
C GLU B 188 14.41 14.60 16.14
N HIS B 189 13.48 14.45 15.19
CA HIS B 189 12.29 13.62 15.38
C HIS B 189 12.62 12.29 16.03
N TRP B 190 13.88 11.89 15.93
CA TRP B 190 14.34 10.64 16.51
C TRP B 190 14.28 10.70 18.02
N ASP B 191 14.19 11.92 18.57
CA ASP B 191 14.11 12.09 20.01
C ASP B 191 12.84 11.44 20.54
N GLY B 192 11.71 11.76 19.90
CA GLY B 192 10.44 11.20 20.30
C GLY B 192 10.30 9.75 19.86
N VAL B 193 10.71 9.46 18.63
CA VAL B 193 10.63 8.11 18.10
C VAL B 193 11.36 7.12 19.01
N ASP B 194 12.53 7.52 19.49
CA ASP B 194 13.32 6.67 20.38
C ASP B 194 12.56 6.45 21.69
N ALA B 195 11.93 7.51 22.17
CA ALA B 195 11.15 7.45 23.40
C ALA B 195 10.03 6.42 23.23
N LYS B 196 9.37 6.48 22.08
CA LYS B 196 8.28 5.57 21.74
C LYS B 196 8.71 4.11 21.86
N PHE B 197 9.76 3.77 21.12
CA PHE B 197 10.29 2.40 21.15
C PHE B 197 10.76 2.03 22.55
N ALA B 198 11.44 2.96 23.21
CA ALA B 198 11.94 2.72 24.56
C ALA B 198 10.79 2.31 25.47
N ASP B 199 9.66 2.97 25.30
CA ASP B 199 8.48 2.69 26.11
C ASP B 199 7.75 1.42 25.67
N TYR B 200 7.69 1.19 24.36
CA TYR B 200 7.02 0.02 23.80
C TYR B 200 7.76 -1.31 23.97
N GLU B 201 9.09 -1.25 24.10
CA GLU B 201 9.87 -2.47 24.22
C GLU B 201 10.72 -2.59 25.49
N ASN B 202 10.45 -1.75 26.48
CA ASN B 202 11.21 -1.80 27.73
C ASN B 202 12.71 -1.62 27.46
N LEU B 203 13.07 -0.47 26.90
CA LEU B 203 14.46 -0.17 26.59
C LEU B 203 14.90 1.17 27.19
N PRO B 204 16.17 1.28 27.60
CA PRO B 204 16.68 2.53 28.18
C PRO B 204 16.51 3.69 27.19
N ARG B 205 16.15 4.87 27.70
CA ARG B 205 15.96 6.02 26.82
C ARG B 205 17.23 6.26 26.00
N GLY B 206 17.13 6.15 24.68
CA GLY B 206 18.27 6.39 23.83
C GLY B 206 18.98 5.14 23.30
N GLU B 207 18.59 3.98 23.81
CA GLU B 207 19.18 2.72 23.37
C GLU B 207 18.72 2.37 21.95
N LYS B 208 17.45 2.63 21.66
CA LYS B 208 16.88 2.32 20.36
C LYS B 208 17.60 3.05 19.22
N LYS B 209 17.76 4.37 19.36
CA LYS B 209 18.43 5.13 18.33
C LYS B 209 19.87 4.64 18.16
N ARG B 210 20.46 4.16 19.24
CA ARG B 210 21.82 3.65 19.21
C ARG B 210 21.88 2.33 18.44
N GLN B 211 21.02 1.39 18.83
CA GLN B 211 20.96 0.08 18.19
C GLN B 211 20.76 0.20 16.69
N VAL B 212 19.75 0.96 16.28
CA VAL B 212 19.46 1.16 14.86
C VAL B 212 20.66 1.69 14.10
N GLY B 213 21.34 2.68 14.66
CA GLY B 213 22.50 3.24 13.98
C GLY B 213 23.62 2.23 13.83
N ALA B 214 23.86 1.46 14.87
CA ALA B 214 24.92 0.46 14.87
C ALA B 214 24.64 -0.74 13.96
N ALA B 215 23.37 -0.97 13.65
CA ALA B 215 22.98 -2.10 12.80
C ALA B 215 23.18 -1.83 11.30
N VAL B 216 23.28 -0.57 10.91
CA VAL B 216 23.47 -0.23 9.51
C VAL B 216 24.84 -0.74 9.07
N PRO B 217 24.89 -1.58 8.03
CA PRO B 217 26.16 -2.12 7.54
C PRO B 217 27.25 -1.05 7.42
N PHE B 218 26.92 0.03 6.72
CA PHE B 218 27.85 1.14 6.50
C PHE B 218 28.52 1.61 7.79
N GLY B 219 27.82 1.50 8.91
CA GLY B 219 28.39 1.91 10.17
C GLY B 219 27.84 3.18 10.83
N ARG B 220 26.78 3.76 10.26
CA ARG B 220 26.21 4.97 10.84
C ARG B 220 24.83 5.25 10.24
N MET B 221 24.10 6.13 10.90
CA MET B 221 22.76 6.54 10.49
C MET B 221 22.83 7.46 9.27
N GLY B 222 21.78 7.45 8.46
CA GLY B 222 21.74 8.25 7.25
C GLY B 222 21.80 9.76 7.39
N ARG B 223 22.17 10.44 6.32
CA ARG B 223 22.27 11.90 6.29
C ARG B 223 21.69 12.36 4.94
N ALA B 224 21.10 13.56 4.93
CA ALA B 224 20.51 14.11 3.71
C ALA B 224 21.51 14.18 2.55
N GLU B 225 22.78 14.42 2.87
CA GLU B 225 23.80 14.50 1.84
C GLU B 225 24.01 13.16 1.12
N ASP B 226 23.64 12.07 1.78
CA ASP B 226 23.78 10.75 1.19
C ASP B 226 22.81 10.53 0.05
N LEU B 227 21.68 11.21 0.10
CA LEU B 227 20.62 11.08 -0.90
C LEU B 227 20.62 12.01 -2.09
N THR B 228 21.24 13.19 -1.96
CA THR B 228 21.22 14.16 -3.05
C THR B 228 21.79 13.66 -4.38
N GLY B 229 22.84 12.85 -4.31
CA GLY B 229 23.46 12.33 -5.51
C GLY B 229 22.48 11.54 -6.36
N MET B 230 21.74 10.66 -5.72
CA MET B 230 20.77 9.85 -6.45
C MET B 230 19.62 10.75 -6.95
N ALA B 231 19.20 11.70 -6.13
CA ALA B 231 18.11 12.61 -6.52
C ALA B 231 18.43 13.36 -7.82
N ILE B 232 19.67 13.83 -7.94
CA ILE B 232 20.11 14.53 -9.14
C ILE B 232 20.16 13.58 -10.33
N PHE B 233 20.93 12.49 -10.16
CA PHE B 233 21.09 11.48 -11.20
C PHE B 233 19.78 11.06 -11.87
N LEU B 234 18.80 10.67 -11.08
CA LEU B 234 17.51 10.24 -11.65
C LEU B 234 16.78 11.29 -12.47
N ALA B 235 17.23 12.54 -12.41
CA ALA B 235 16.57 13.61 -13.17
C ALA B 235 17.37 14.02 -14.41
N THR B 236 18.52 13.39 -14.61
CA THR B 236 19.36 13.70 -15.77
C THR B 236 19.06 12.72 -16.89
N PRO B 237 19.53 13.02 -18.11
CA PRO B 237 19.29 12.11 -19.23
C PRO B 237 20.07 10.79 -19.17
N GLU B 238 21.03 10.70 -18.26
CA GLU B 238 21.79 9.45 -18.13
C GLU B 238 20.92 8.41 -17.45
N ALA B 239 19.70 8.80 -17.08
CA ALA B 239 18.79 7.88 -16.42
C ALA B 239 17.51 7.70 -17.22
N ASP B 240 17.57 8.07 -18.50
CA ASP B 240 16.41 7.95 -19.36
C ASP B 240 15.90 6.53 -19.57
N TYR B 241 16.76 5.54 -19.37
CA TYR B 241 16.37 4.15 -19.57
C TYR B 241 15.94 3.49 -18.26
N ILE B 242 15.97 4.25 -17.18
CA ILE B 242 15.57 3.74 -15.87
C ILE B 242 14.07 4.02 -15.66
N VAL B 243 13.28 2.94 -15.64
CA VAL B 243 11.84 3.04 -15.52
C VAL B 243 11.21 2.18 -14.41
N ALA B 244 10.30 2.78 -13.64
CA ALA B 244 9.59 2.09 -12.57
C ALA B 244 10.45 1.42 -11.50
N GLN B 245 11.61 2.00 -11.22
CA GLN B 245 12.47 1.40 -10.21
C GLN B 245 12.44 2.13 -8.87
N THR B 246 12.80 1.40 -7.82
CA THR B 246 12.89 1.96 -6.49
C THR B 246 14.32 1.61 -6.08
N TYR B 247 15.16 2.63 -5.98
CA TYR B 247 16.56 2.43 -5.61
C TYR B 247 16.79 2.70 -4.13
N ASN B 248 17.33 1.70 -3.43
CA ASN B 248 17.62 1.85 -2.01
C ASN B 248 18.96 2.54 -1.82
N VAL B 249 18.96 3.61 -1.01
CA VAL B 249 20.18 4.35 -0.68
C VAL B 249 20.10 4.36 0.84
N ASP B 250 20.47 3.23 1.44
CA ASP B 250 20.36 3.04 2.87
C ASP B 250 21.60 2.50 3.59
N GLY B 251 22.76 2.58 2.97
CA GLY B 251 23.94 2.06 3.62
C GLY B 251 23.89 0.55 3.86
N GLY B 252 23.06 -0.15 3.10
CA GLY B 252 22.96 -1.58 3.25
C GLY B 252 21.87 -2.11 4.17
N ASN B 253 21.08 -1.22 4.77
CA ASN B 253 20.02 -1.65 5.67
C ASN B 253 19.07 -2.66 5.04
N TRP B 254 18.84 -2.52 3.74
CA TRP B 254 17.98 -3.46 3.04
C TRP B 254 18.53 -3.67 1.64
N MET B 255 18.42 -4.90 1.13
CA MET B 255 18.97 -5.23 -0.17
C MET B 255 17.90 -5.58 -1.21
N SER B 256 17.96 -4.90 -2.35
CA SER B 256 17.01 -5.12 -3.42
C SER B 256 17.74 -5.11 -4.75
#